data_7Q8L
#
_entry.id   7Q8L
#
_cell.length_a   94.35
_cell.length_b   94.35
_cell.length_c   127.26
_cell.angle_alpha   90.00
_cell.angle_beta   90.00
_cell.angle_gamma   90.00
#
_symmetry.space_group_name_H-M   'P 43 21 2'
#
loop_
_entity.id
_entity.type
_entity.pdbx_description
1 polymer 'Cathepsin L2'
2 polymer 'VPCGTAHE Peptide'
3 non-polymer (4S)-2-METHYL-2,4-PENTANEDIOL
4 non-polymer 'CHLORIDE ION'
5 non-polymer GLYCEROL
6 water water
#
loop_
_entity_poly.entity_id
_entity_poly.type
_entity_poly.pdbx_seq_one_letter_code
_entity_poly.pdbx_strand_id
1 'polypeptide(L)'
;DLPKSVDWRKKGYVTPVKNQKQCGSAWAFSATGALEGQMFRKTGKLVSLSEQNLVDCSRPQGNQGCNGGFMARAFQYVKE
NGGLDSEESYPYVAVDEICKYRPENSVAQDTGFTVVAPGKEKALMKAVATVGPISVAMDAGHSSFQFYKSGIYFEPDCSS
KNLDHGVLVVGYGFEGANSQNSKYWLVKNSWGPEWGSNGYVKIAKDKNNHCGIATAASYPNV
;
AA,BA
2 'polypeptide(L)' (ACE)VPCGTAHE(NH2) PA,PB
#
loop_
_chem_comp.id
_chem_comp.type
_chem_comp.name
_chem_comp.formula
ACE non-polymer 'ACETYL GROUP' 'C2 H4 O'
CL non-polymer 'CHLORIDE ION' 'Cl -1'
GOL non-polymer GLYCEROL 'C3 H8 O3'
MPD non-polymer (4S)-2-METHYL-2,4-PENTANEDIOL 'C6 H14 O2'
NH2 non-polymer 'AMINO GROUP' 'H2 N'
#
# COMPACT_ATOMS: atom_id res chain seq x y z
N ASP A 1 -13.27 15.10 -17.92
CA ASP A 1 -13.91 14.70 -16.67
C ASP A 1 -12.99 13.85 -15.86
N LEU A 2 -12.71 14.30 -14.65
CA LEU A 2 -11.79 13.53 -13.81
C LEU A 2 -12.50 12.48 -12.99
N PRO A 3 -11.78 11.38 -12.70
CA PRO A 3 -12.40 10.32 -11.88
C PRO A 3 -12.75 10.84 -10.50
N LYS A 4 -13.67 10.13 -9.82
CA LYS A 4 -14.15 10.49 -8.48
C LYS A 4 -13.07 10.15 -7.45
N SER A 5 -12.25 9.16 -7.79
CA SER A 5 -11.16 8.88 -6.86
C SER A 5 -10.05 8.26 -7.64
N VAL A 6 -8.81 8.40 -7.14
CA VAL A 6 -7.60 7.91 -7.75
C VAL A 6 -6.72 7.33 -6.68
N ASP A 7 -6.06 6.17 -6.99
CA ASP A 7 -5.08 5.64 -6.04
C ASP A 7 -3.99 4.91 -6.85
N TRP A 8 -2.84 5.62 -7.10
CA TRP A 8 -1.78 5.04 -7.90
C TRP A 8 -1.13 3.85 -7.22
N ARG A 9 -1.33 3.66 -5.89
CA ARG A 9 -0.74 2.46 -5.24
C ARG A 9 -1.36 1.18 -5.84
N LYS A 10 -2.64 1.24 -6.22
CA LYS A 10 -3.30 0.04 -6.74
C LYS A 10 -2.93 -0.27 -8.17
N LYS A 11 -2.13 0.61 -8.78
CA LYS A 11 -1.69 0.39 -10.16
C LYS A 11 -0.19 0.08 -10.30
N GLY A 12 0.51 -0.01 -9.16
CA GLY A 12 1.93 -0.40 -9.17
C GLY A 12 2.94 0.70 -9.28
N TYR A 13 2.47 1.97 -9.11
CA TYR A 13 3.33 3.16 -9.27
C TYR A 13 4.09 3.55 -8.02
N VAL A 14 3.80 2.89 -6.87
CA VAL A 14 4.36 3.39 -5.60
C VAL A 14 5.15 2.35 -4.85
N THR A 15 6.38 2.69 -4.39
CA THR A 15 7.19 1.76 -3.61
C THR A 15 6.67 1.68 -2.17
N PRO A 16 7.12 0.69 -1.39
CA PRO A 16 6.63 0.63 0.00
C PRO A 16 7.11 1.85 0.75
N VAL A 17 6.46 2.13 1.87
CA VAL A 17 6.80 3.32 2.68
C VAL A 17 8.20 3.24 3.26
N LYS A 18 8.95 4.34 3.09
CA LYS A 18 10.35 4.45 3.56
C LYS A 18 10.43 5.33 4.82
N ASN A 19 11.61 5.42 5.39
CA ASN A 19 11.79 6.19 6.64
C ASN A 19 13.06 7.03 6.58
N GLN A 20 12.90 8.34 6.65
CA GLN A 20 14.02 9.27 6.59
C GLN A 20 14.83 9.29 7.88
N LYS A 21 14.21 8.76 8.95
CA LYS A 21 14.84 8.75 10.30
C LYS A 21 15.27 10.17 10.72
N GLN A 22 16.44 10.30 11.41
CA GLN A 22 16.76 11.67 11.95
C GLN A 22 17.61 12.49 10.99
N CYS A 23 17.01 12.90 9.90
CA CYS A 23 17.66 13.66 8.87
C CYS A 23 16.53 14.41 8.16
N GLY A 24 16.69 15.74 7.93
CA GLY A 24 15.64 16.51 7.26
C GLY A 24 15.67 16.31 5.75
N SER A 25 15.40 15.08 5.34
CA SER A 25 15.49 14.78 3.91
C SER A 25 14.15 14.41 3.26
N ALA A 26 13.03 14.91 3.80
CA ALA A 26 11.73 14.48 3.25
C ALA A 26 11.64 14.98 1.81
N TRP A 27 12.26 16.15 1.57
CA TRP A 27 12.29 16.65 0.18
C TRP A 27 12.85 15.60 -0.80
N ALA A 28 13.84 14.83 -0.37
CA ALA A 28 14.46 13.80 -1.20
C ALA A 28 13.51 12.59 -1.40
N PHE A 29 12.83 12.17 -0.31
CA PHE A 29 11.85 11.06 -0.43
C PHE A 29 10.66 11.46 -1.32
N SER A 30 10.21 12.71 -1.19
CA SER A 30 9.12 13.16 -2.03
C SER A 30 9.55 13.12 -3.51
N ALA A 31 10.78 13.62 -3.76
CA ALA A 31 11.32 13.63 -5.11
C ALA A 31 11.49 12.21 -5.64
N THR A 32 12.07 11.26 -4.86
CA THR A 32 12.23 9.91 -5.40
C THR A 32 10.87 9.26 -5.65
N GLY A 33 9.92 9.57 -4.77
CA GLY A 33 8.58 8.99 -4.93
C GLY A 33 7.96 9.43 -6.25
N ALA A 34 8.10 10.71 -6.56
CA ALA A 34 7.51 11.15 -7.81
C ALA A 34 8.23 10.57 -9.02
N LEU A 35 9.57 10.54 -8.97
CA LEU A 35 10.33 9.98 -10.11
C LEU A 35 10.04 8.47 -10.21
N GLU A 36 9.87 7.79 -9.07
CA GLU A 36 9.53 6.35 -9.14
C GLU A 36 8.22 6.13 -9.94
N GLY A 37 7.22 6.96 -9.67
CA GLY A 37 5.97 6.80 -10.40
C GLY A 37 6.12 7.15 -11.88
N GLN A 38 6.88 8.24 -12.22
CA GLN A 38 7.04 8.58 -13.63
C GLN A 38 7.87 7.55 -14.37
N MET A 39 8.91 7.02 -13.75
CA MET A 39 9.68 5.95 -14.47
C MET A 39 8.82 4.68 -14.66
N PHE A 40 7.96 4.35 -13.65
CA PHE A 40 7.07 3.20 -13.82
C PHE A 40 6.12 3.45 -15.01
N ARG A 41 5.56 4.67 -15.11
CA ARG A 41 4.64 5.04 -16.20
C ARG A 41 5.34 4.85 -17.55
N LYS A 42 6.60 5.29 -17.60
CA LYS A 42 7.45 5.19 -18.82
C LYS A 42 7.89 3.78 -19.26
N THR A 43 8.34 2.95 -18.32
CA THR A 43 8.89 1.62 -18.62
C THR A 43 8.12 0.41 -18.11
N GLY A 44 7.12 0.60 -17.26
CA GLY A 44 6.46 -0.54 -16.66
C GLY A 44 7.27 -1.22 -15.57
N LYS A 45 8.42 -0.61 -15.12
CA LYS A 45 9.23 -1.24 -14.11
C LYS A 45 9.31 -0.37 -12.89
N LEU A 46 9.00 -0.94 -11.69
CA LEU A 46 9.06 -0.13 -10.45
C LEU A 46 10.42 -0.32 -9.81
N VAL A 47 11.21 0.76 -9.67
CA VAL A 47 12.54 0.58 -9.12
C VAL A 47 12.74 1.62 -8.06
N SER A 48 13.08 1.19 -6.84
CA SER A 48 13.28 2.14 -5.74
C SER A 48 14.51 3.02 -6.05
N LEU A 49 14.39 4.36 -5.84
CA LEU A 49 15.47 5.33 -6.17
C LEU A 49 16.18 5.85 -4.93
N SER A 50 17.43 6.33 -5.14
CA SER A 50 18.27 6.73 -4.03
C SER A 50 18.08 8.12 -3.48
N GLU A 51 17.51 8.16 -2.26
CA GLU A 51 17.41 9.44 -1.57
C GLU A 51 18.80 9.90 -1.17
N GLN A 52 19.67 8.96 -0.84
CA GLN A 52 21.00 9.37 -0.33
C GLN A 52 21.78 10.06 -1.45
N ASN A 53 21.59 9.55 -2.67
CA ASN A 53 22.23 10.15 -3.85
C ASN A 53 21.84 11.63 -3.90
N LEU A 54 20.54 11.91 -3.69
CA LEU A 54 20.16 13.32 -3.67
C LEU A 54 20.74 14.10 -2.47
N VAL A 55 20.73 13.48 -1.29
CA VAL A 55 21.25 14.16 -0.09
C VAL A 55 22.71 14.55 -0.28
N ASP A 56 23.51 13.59 -0.71
CA ASP A 56 24.94 13.85 -0.86
C ASP A 56 25.38 14.71 -2.03
N CYS A 57 24.61 14.67 -3.16
CA CYS A 57 25.12 15.29 -4.37
C CYS A 57 24.43 16.53 -4.87
N SER A 58 23.30 17.00 -4.26
CA SER A 58 22.64 18.12 -4.91
C SER A 58 22.81 19.48 -4.23
N ARG A 59 23.96 19.67 -3.55
CA ARG A 59 24.20 20.96 -2.90
C ARG A 59 24.37 22.06 -3.96
N PRO A 60 24.99 21.75 -5.09
CA PRO A 60 25.16 22.78 -6.12
C PRO A 60 23.85 23.33 -6.62
N GLN A 61 22.79 22.51 -6.55
CA GLN A 61 21.46 22.89 -7.04
C GLN A 61 20.68 23.59 -5.93
N GLY A 62 21.29 23.70 -4.77
CA GLY A 62 20.65 24.47 -3.70
C GLY A 62 20.03 23.67 -2.59
N ASN A 63 20.29 22.39 -2.55
CA ASN A 63 19.77 21.56 -1.44
C ASN A 63 20.84 21.52 -0.36
N GLN A 64 20.44 21.15 0.88
CA GLN A 64 21.40 21.10 1.97
C GLN A 64 21.34 19.79 2.74
N GLY A 65 21.13 18.73 1.99
CA GLY A 65 21.07 17.38 2.55
C GLY A 65 20.16 17.16 3.74
N CYS A 66 20.73 16.73 4.90
CA CYS A 66 19.88 16.46 6.09
C CYS A 66 19.42 17.76 6.71
N ASN A 67 19.87 18.89 6.15
CA ASN A 67 19.44 20.16 6.69
C ASN A 67 18.31 20.74 5.86
N GLY A 68 17.73 19.96 4.91
CA GLY A 68 16.60 20.49 4.17
C GLY A 68 16.84 20.69 2.70
N GLY A 69 15.77 20.92 1.99
CA GLY A 69 15.94 21.04 0.54
C GLY A 69 14.59 21.15 -0.13
N PHE A 70 14.57 21.02 -1.45
CA PHE A 70 13.34 21.23 -2.21
C PHE A 70 13.23 20.22 -3.31
N MET A 71 12.02 19.69 -3.56
CA MET A 71 11.90 18.69 -4.61
C MET A 71 12.27 19.24 -5.99
N ALA A 72 11.89 20.52 -6.27
CA ALA A 72 12.23 21.08 -7.60
C ALA A 72 13.74 21.11 -7.85
N ARG A 73 14.51 21.43 -6.80
CA ARG A 73 15.97 21.43 -6.89
C ARG A 73 16.46 20.01 -7.08
N ALA A 74 15.79 19.04 -6.43
CA ALA A 74 16.19 17.65 -6.71
C ALA A 74 15.93 17.22 -8.19
N PHE A 75 14.78 17.59 -8.76
CA PHE A 75 14.56 17.21 -10.15
C PHE A 75 15.55 17.97 -11.03
N GLN A 76 15.90 19.16 -10.58
CA GLN A 76 16.93 19.91 -11.38
C GLN A 76 18.28 19.19 -11.32
N TYR A 77 18.63 18.72 -10.14
CA TYR A 77 19.90 17.95 -10.07
C TYR A 77 19.86 16.73 -11.00
N VAL A 78 18.76 15.96 -10.98
CA VAL A 78 18.73 14.75 -11.82
C VAL A 78 18.90 15.15 -13.30
N LYS A 79 18.28 16.27 -13.69
CA LYS A 79 18.42 16.68 -15.08
C LYS A 79 19.89 17.05 -15.44
N GLU A 80 20.49 17.87 -14.59
CA GLU A 80 21.86 18.38 -14.80
C GLU A 80 22.85 17.27 -14.69
N ASN A 81 22.58 16.37 -13.77
CA ASN A 81 23.48 15.23 -13.55
C ASN A 81 23.42 14.12 -14.57
N GLY A 82 22.29 14.04 -15.30
CA GLY A 82 22.12 13.01 -16.32
C GLY A 82 21.67 11.66 -15.80
N GLY A 83 21.29 11.61 -14.53
CA GLY A 83 20.85 10.34 -13.97
C GLY A 83 20.70 10.36 -12.46
N LEU A 84 20.25 9.23 -11.92
CA LEU A 84 20.07 9.03 -10.45
C LEU A 84 20.17 7.55 -10.17
N ASP A 85 20.92 7.15 -9.14
CA ASP A 85 21.11 5.75 -8.85
C ASP A 85 19.95 5.13 -8.12
N SER A 86 19.92 3.82 -8.09
CA SER A 86 18.87 3.10 -7.31
C SER A 86 19.17 3.07 -5.81
N GLU A 87 18.10 2.81 -4.98
CA GLU A 87 18.13 2.70 -3.51
C GLU A 87 19.11 1.62 -3.17
N GLU A 88 19.05 0.55 -3.97
CA GLU A 88 19.87 -0.62 -3.77
C GLU A 88 21.33 -0.31 -3.95
N SER A 89 21.65 0.38 -4.98
CA SER A 89 23.08 0.64 -5.23
C SER A 89 23.66 1.86 -4.47
N TYR A 90 22.81 2.73 -3.95
CA TYR A 90 23.31 3.92 -3.20
C TYR A 90 22.33 4.02 -2.01
N PRO A 91 22.54 3.21 -1.00
CA PRO A 91 21.73 3.07 0.22
C PRO A 91 21.64 4.27 1.11
N TYR A 92 20.53 4.31 1.83
CA TYR A 92 20.22 5.45 2.69
C TYR A 92 20.79 5.26 4.08
N VAL A 93 21.51 6.27 4.54
CA VAL A 93 22.09 6.19 5.89
C VAL A 93 21.72 7.38 6.76
N ALA A 94 20.91 8.30 6.22
CA ALA A 94 20.38 9.39 7.03
C ALA A 94 21.41 10.34 7.66
N VAL A 95 22.54 10.53 6.97
CA VAL A 95 23.52 11.52 7.39
C VAL A 95 24.15 12.07 6.11
N ASP A 96 24.65 13.30 6.16
CA ASP A 96 25.30 13.87 4.96
C ASP A 96 26.62 13.20 4.73
N GLU A 97 26.85 12.67 3.53
CA GLU A 97 28.09 11.97 3.21
C GLU A 97 28.64 12.44 1.86
N ILE A 98 29.80 11.86 1.49
CA ILE A 98 30.42 12.19 0.18
C ILE A 98 29.62 11.74 -0.98
N CYS A 99 29.45 12.62 -2.00
CA CYS A 99 28.73 12.21 -3.22
C CYS A 99 29.43 11.04 -3.93
N LYS A 100 28.71 9.89 -4.06
CA LYS A 100 29.28 8.74 -4.71
C LYS A 100 28.38 8.36 -5.86
N TYR A 101 27.92 9.36 -6.63
CA TYR A 101 27.06 9.05 -7.79
C TYR A 101 27.84 8.24 -8.82
N ARG A 102 27.27 7.13 -9.28
CA ARG A 102 27.88 6.28 -10.26
C ARG A 102 26.94 6.18 -11.44
N PRO A 103 27.39 6.68 -12.58
CA PRO A 103 26.54 6.65 -13.77
C PRO A 103 26.15 5.25 -14.20
N GLU A 104 27.02 4.26 -13.98
CA GLU A 104 26.71 2.90 -14.43
C GLU A 104 25.54 2.31 -13.62
N ASN A 105 25.23 2.95 -12.47
CA ASN A 105 24.13 2.45 -11.61
C ASN A 105 22.87 3.30 -11.70
N SER A 106 22.85 4.23 -12.66
CA SER A 106 21.69 5.12 -12.83
C SER A 106 20.52 4.33 -13.38
N VAL A 107 19.30 4.58 -12.82
CA VAL A 107 18.12 3.85 -13.31
C VAL A 107 17.00 4.88 -13.58
N ALA A 108 17.35 6.18 -13.52
CA ALA A 108 16.34 7.16 -13.81
C ALA A 108 16.93 8.43 -14.35
N GLN A 109 16.13 9.13 -15.17
CA GLN A 109 16.51 10.42 -15.74
C GLN A 109 15.28 11.33 -15.81
N ASP A 110 15.51 12.66 -15.87
CA ASP A 110 14.40 13.59 -16.10
C ASP A 110 14.95 14.80 -16.89
N THR A 111 14.08 15.53 -17.60
CA THR A 111 14.54 16.65 -18.43
C THR A 111 14.18 17.96 -17.77
N GLY A 112 13.70 17.88 -16.54
CA GLY A 112 13.21 19.08 -15.87
C GLY A 112 11.95 18.67 -15.14
N PHE A 113 11.03 19.63 -14.89
CA PHE A 113 9.85 19.29 -14.09
C PHE A 113 8.74 20.22 -14.43
N THR A 114 7.56 19.82 -14.07
CA THR A 114 6.35 20.63 -14.32
C THR A 114 5.79 21.07 -12.98
N VAL A 115 5.34 22.31 -12.91
CA VAL A 115 4.77 22.88 -11.72
C VAL A 115 3.27 23.02 -11.83
N VAL A 116 2.57 22.78 -10.72
CA VAL A 116 1.12 22.96 -10.68
C VAL A 116 0.89 24.41 -10.20
N ALA A 117 -0.11 25.12 -10.78
CA ALA A 117 -0.33 26.49 -10.32
C ALA A 117 -0.48 26.58 -8.78
N PRO A 118 0.27 27.49 -8.12
CA PRO A 118 0.25 27.65 -6.67
C PRO A 118 -1.13 27.88 -6.11
N GLY A 119 -1.48 27.03 -5.14
CA GLY A 119 -2.77 27.14 -4.46
C GLY A 119 -3.97 26.61 -5.22
N LYS A 120 -3.76 26.07 -6.44
CA LYS A 120 -4.94 25.60 -7.18
C LYS A 120 -5.22 24.11 -6.99
N GLU A 121 -6.06 23.79 -6.02
CA GLU A 121 -6.40 22.39 -5.74
C GLU A 121 -7.04 21.67 -6.90
N LYS A 122 -7.78 22.37 -7.79
CA LYS A 122 -8.33 21.58 -8.85
C LYS A 122 -7.28 21.33 -9.92
N ALA A 123 -6.25 22.22 -10.01
CA ALA A 123 -5.18 21.95 -10.97
C ALA A 123 -4.41 20.73 -10.42
N LEU A 124 -4.26 20.68 -9.10
CA LEU A 124 -3.55 19.50 -8.54
C LEU A 124 -4.37 18.20 -8.76
N MET A 125 -5.69 18.32 -8.65
CA MET A 125 -6.52 17.11 -8.86
C MET A 125 -6.29 16.58 -10.28
N LYS A 126 -6.23 17.52 -11.24
CA LYS A 126 -6.02 17.15 -12.60
C LYS A 126 -4.66 16.55 -12.76
N ALA A 127 -3.66 17.11 -12.07
CA ALA A 127 -2.32 16.51 -12.26
C ALA A 127 -2.31 15.09 -11.71
N VAL A 128 -2.88 14.91 -10.55
CA VAL A 128 -2.89 13.55 -9.94
C VAL A 128 -3.62 12.55 -10.81
N ALA A 129 -4.74 12.96 -11.37
CA ALA A 129 -5.52 12.02 -12.17
C ALA A 129 -4.87 11.63 -13.51
N THR A 130 -4.16 12.57 -14.12
CA THR A 130 -3.62 12.31 -15.45
C THR A 130 -2.14 11.98 -15.54
N VAL A 131 -1.38 12.22 -14.45
CA VAL A 131 0.10 12.02 -14.54
C VAL A 131 0.61 10.90 -13.66
N GLY A 132 0.15 10.90 -12.39
CA GLY A 132 0.65 9.92 -11.44
C GLY A 132 0.92 10.63 -10.13
N PRO A 133 1.68 10.00 -9.19
CA PRO A 133 1.94 10.70 -7.94
C PRO A 133 2.67 12.04 -8.17
N ILE A 134 2.34 13.00 -7.30
CA ILE A 134 2.81 14.37 -7.39
C ILE A 134 3.54 14.79 -6.09
N SER A 135 4.73 15.39 -6.24
CA SER A 135 5.45 15.90 -5.06
C SER A 135 4.78 17.19 -4.58
N VAL A 136 4.64 17.30 -3.28
CA VAL A 136 4.00 18.48 -2.68
C VAL A 136 4.65 18.82 -1.37
N ALA A 137 4.50 20.09 -0.95
CA ALA A 137 5.02 20.53 0.34
C ALA A 137 3.79 20.77 1.22
N MET A 138 3.94 20.59 2.52
CA MET A 138 2.81 20.86 3.41
C MET A 138 3.33 21.39 4.71
N ASP A 139 2.39 21.90 5.56
CA ASP A 139 2.69 22.33 6.92
C ASP A 139 2.45 21.10 7.78
N ALA A 140 3.52 20.41 8.21
CA ALA A 140 3.39 19.22 9.04
C ALA A 140 3.84 19.53 10.49
N GLY A 141 4.05 20.83 10.80
CA GLY A 141 4.56 21.23 12.11
C GLY A 141 3.58 21.24 13.26
N HIS A 142 2.93 20.11 13.52
CA HIS A 142 1.99 20.02 14.63
C HIS A 142 1.95 18.64 15.25
N SER A 143 1.73 18.58 16.58
CA SER A 143 1.58 17.32 17.30
C SER A 143 0.48 16.49 16.70
N SER A 144 -0.60 17.15 16.23
CA SER A 144 -1.72 16.42 15.62
C SER A 144 -1.23 15.64 14.39
N PHE A 145 -0.19 16.16 13.73
CA PHE A 145 0.32 15.43 12.55
C PHE A 145 1.21 14.31 13.00
N GLN A 146 2.10 14.65 13.92
CA GLN A 146 3.00 13.67 14.49
C GLN A 146 2.23 12.47 15.02
N PHE A 147 1.11 12.70 15.70
CA PHE A 147 0.34 11.55 16.24
C PHE A 147 -0.86 11.15 15.41
N TYR A 148 -0.93 11.60 14.13
CA TYR A 148 -2.05 11.21 13.30
C TYR A 148 -2.17 9.69 13.21
N LYS A 149 -3.41 9.19 13.17
CA LYS A 149 -3.61 7.74 13.11
C LYS A 149 -4.57 7.33 12.00
N SER A 150 -5.73 7.99 11.89
CA SER A 150 -6.68 7.62 10.84
C SER A 150 -7.69 8.72 10.63
N GLY A 151 -8.54 8.58 9.61
CA GLY A 151 -9.53 9.59 9.32
C GLY A 151 -8.96 10.72 8.48
N ILE A 152 -9.75 11.75 8.26
CA ILE A 152 -9.35 12.89 7.45
C ILE A 152 -8.67 13.89 8.35
N TYR A 153 -7.41 14.20 8.03
CA TYR A 153 -6.66 15.12 8.86
C TYR A 153 -7.04 16.54 8.58
N PHE A 154 -7.40 17.22 9.64
CA PHE A 154 -7.73 18.64 9.57
C PHE A 154 -7.18 19.28 10.83
N GLU A 155 -6.33 20.28 10.66
CA GLU A 155 -5.69 21.00 11.76
C GLU A 155 -5.94 22.51 11.59
N PRO A 156 -6.66 23.14 12.53
CA PRO A 156 -6.97 24.57 12.49
C PRO A 156 -5.78 25.50 12.40
N ASP A 157 -4.70 25.14 13.04
CA ASP A 157 -3.50 25.96 13.07
C ASP A 157 -2.63 25.67 11.84
N CYS A 158 -3.17 24.98 10.85
CA CYS A 158 -2.34 24.69 9.68
C CYS A 158 -2.16 25.92 8.80
N SER A 159 -0.99 26.04 8.16
CA SER A 159 -0.73 27.15 7.26
C SER A 159 -0.76 26.65 5.81
N SER A 160 -1.23 27.51 4.88
CA SER A 160 -1.29 27.15 3.48
C SER A 160 -0.11 27.79 2.75
N LYS A 161 0.70 28.57 3.45
CA LYS A 161 1.84 29.23 2.80
C LYS A 161 3.21 29.00 3.45
N ASN A 162 3.31 28.80 4.76
CA ASN A 162 4.60 28.56 5.40
C ASN A 162 4.66 27.07 5.64
N LEU A 163 5.40 26.41 4.75
CA LEU A 163 5.45 24.91 4.73
C LEU A 163 6.79 24.41 5.17
N ASP A 164 6.83 23.16 5.68
CA ASP A 164 8.08 22.69 6.23
C ASP A 164 8.36 21.24 5.93
N HIS A 165 7.52 20.61 5.09
CA HIS A 165 7.74 19.17 4.90
C HIS A 165 7.32 18.67 3.54
N GLY A 166 8.20 17.94 2.90
CA GLY A 166 7.88 17.39 1.57
C GLY A 166 7.18 16.03 1.66
N VAL A 167 6.08 15.80 0.87
CA VAL A 167 5.38 14.53 0.87
C VAL A 167 4.97 14.19 -0.58
N LEU A 168 4.21 13.12 -0.77
CA LEU A 168 3.84 12.68 -2.12
C LEU A 168 2.34 12.41 -2.15
N VAL A 169 1.63 13.11 -3.02
CA VAL A 169 0.17 12.80 -3.19
C VAL A 169 0.06 11.64 -4.21
N VAL A 170 -0.47 10.47 -3.75
CA VAL A 170 -0.62 9.28 -4.58
C VAL A 170 -2.03 9.09 -5.01
N GLY A 171 -2.90 10.03 -4.65
CA GLY A 171 -4.29 9.90 -5.09
C GLY A 171 -5.24 10.81 -4.36
N TYR A 172 -6.54 10.54 -4.49
CA TYR A 172 -7.52 11.35 -3.76
C TYR A 172 -8.82 10.57 -3.70
N GLY A 173 -9.72 11.04 -2.88
CA GLY A 173 -10.96 10.28 -2.79
C GLY A 173 -11.96 10.97 -1.90
N PHE A 174 -12.89 10.17 -1.38
CA PHE A 174 -13.92 10.74 -0.53
C PHE A 174 -14.46 9.65 0.34
N GLU A 175 -15.07 10.05 1.42
CA GLU A 175 -15.67 9.07 2.32
C GLU A 175 -17.15 9.16 2.21
N GLY A 176 -17.80 7.99 2.18
CA GLY A 176 -19.24 7.99 2.06
C GLY A 176 -19.68 7.69 0.64
N ALA A 177 -20.89 8.14 0.29
CA ALA A 177 -21.38 7.81 -1.06
C ALA A 177 -21.42 9.01 -1.97
N ASN A 178 -21.31 10.19 -1.39
CA ASN A 178 -21.33 11.39 -2.21
C ASN A 178 -19.91 11.75 -2.58
N SER A 179 -19.58 11.62 -3.87
CA SER A 179 -18.19 11.88 -4.25
C SER A 179 -17.73 13.30 -4.02
N GLN A 180 -18.63 14.19 -3.58
CA GLN A 180 -18.20 15.57 -3.34
C GLN A 180 -18.23 15.93 -1.89
N ASN A 181 -18.34 14.94 -1.02
CA ASN A 181 -18.39 15.25 0.40
C ASN A 181 -17.27 14.62 1.15
N SER A 182 -16.69 15.38 2.09
CA SER A 182 -15.60 14.90 2.94
C SER A 182 -14.51 14.27 2.07
N LYS A 183 -13.97 15.10 1.20
CA LYS A 183 -12.93 14.69 0.26
C LYS A 183 -11.55 14.72 0.90
N TYR A 184 -10.62 14.00 0.28
CA TYR A 184 -9.29 13.98 0.90
C TYR A 184 -8.25 13.69 -0.14
N TRP A 185 -7.03 14.12 0.16
CA TRP A 185 -5.84 13.80 -0.65
C TRP A 185 -5.20 12.60 -0.01
N LEU A 186 -4.78 11.60 -0.82
CA LEU A 186 -4.08 10.41 -0.26
C LEU A 186 -2.62 10.72 -0.27
N VAL A 187 -1.97 10.78 0.89
CA VAL A 187 -0.57 11.25 0.95
C VAL A 187 0.38 10.27 1.60
N LYS A 188 1.49 9.95 0.88
CA LYS A 188 2.54 9.06 1.37
C LYS A 188 3.57 9.90 2.14
N ASN A 189 3.84 9.49 3.35
CA ASN A 189 4.83 10.19 4.17
C ASN A 189 6.15 9.37 4.14
N SER A 190 7.19 9.87 4.80
CA SER A 190 8.49 9.15 4.85
C SER A 190 8.95 9.01 6.31
N TRP A 191 8.03 8.59 7.19
CA TRP A 191 8.35 8.42 8.60
C TRP A 191 8.14 6.95 8.94
N GLY A 192 8.25 6.10 7.89
CA GLY A 192 8.06 4.66 8.08
C GLY A 192 6.60 4.21 8.01
N PRO A 193 6.34 2.90 7.80
CA PRO A 193 5.03 2.30 7.71
C PRO A 193 4.31 2.33 9.03
N GLU A 194 5.08 2.53 10.08
CA GLU A 194 4.48 2.52 11.40
C GLU A 194 3.80 3.79 11.77
N TRP A 195 4.19 4.89 11.11
CA TRP A 195 3.51 6.17 11.41
C TRP A 195 2.14 6.28 10.70
N GLY A 196 1.13 7.01 11.28
CA GLY A 196 -0.14 7.16 10.60
C GLY A 196 -0.86 5.89 10.18
N SER A 197 -1.41 5.89 8.94
CA SER A 197 -2.17 4.75 8.47
C SER A 197 -1.30 3.97 7.49
N ASN A 198 -0.44 3.06 8.03
CA ASN A 198 0.48 2.23 7.21
C ASN A 198 1.43 3.18 6.43
N GLY A 199 1.71 4.31 7.05
CA GLY A 199 2.67 5.27 6.49
C GLY A 199 2.04 6.40 5.71
N TYR A 200 0.70 6.36 5.59
CA TYR A 200 -0.06 7.34 4.81
C TYR A 200 -0.95 8.22 5.67
N VAL A 201 -1.37 9.33 5.06
CA VAL A 201 -2.34 10.24 5.75
C VAL A 201 -3.35 10.75 4.74
N LYS A 202 -4.63 10.89 5.20
CA LYS A 202 -5.69 11.46 4.39
C LYS A 202 -5.78 12.91 4.82
N ILE A 203 -5.51 13.85 3.91
CA ILE A 203 -5.60 15.25 4.20
C ILE A 203 -6.82 15.90 3.58
N ALA A 204 -7.52 16.72 4.38
CA ALA A 204 -8.75 17.35 3.88
C ALA A 204 -8.51 18.01 2.54
N LYS A 205 -9.39 17.71 1.56
CA LYS A 205 -9.29 18.21 0.18
C LYS A 205 -10.42 19.17 -0.14
N ASP A 206 -10.10 20.23 -0.91
CA ASP A 206 -11.02 21.29 -1.32
C ASP A 206 -11.56 22.04 -0.11
N LYS A 207 -10.68 22.24 0.88
CA LYS A 207 -11.05 22.98 2.09
C LYS A 207 -10.04 24.09 2.23
N ASN A 208 -10.01 24.95 1.19
CA ASN A 208 -9.13 26.08 1.09
C ASN A 208 -7.68 25.71 1.15
N ASN A 209 -7.32 24.69 0.38
CA ASN A 209 -5.88 24.31 0.31
C ASN A 209 -5.29 24.04 1.69
N HIS A 210 -5.94 23.14 2.40
CA HIS A 210 -5.55 22.83 3.76
C HIS A 210 -4.10 22.37 3.87
N CYS A 211 -3.37 22.97 4.82
CA CYS A 211 -1.95 22.69 5.07
C CYS A 211 -1.05 22.99 3.87
N GLY A 212 -1.56 23.71 2.85
CA GLY A 212 -0.74 24.10 1.70
C GLY A 212 -0.44 22.98 0.69
N ILE A 213 -1.20 21.88 0.73
CA ILE A 213 -0.96 20.76 -0.19
C ILE A 213 -0.79 21.16 -1.69
N ALA A 214 -1.58 22.15 -2.15
CA ALA A 214 -1.43 22.57 -3.55
C ALA A 214 -0.60 23.85 -3.75
N THR A 215 0.09 24.30 -2.72
CA THR A 215 0.92 25.53 -2.82
C THR A 215 2.21 25.35 -3.63
N ALA A 216 2.85 24.19 -3.50
CA ALA A 216 4.14 24.00 -4.20
C ALA A 216 4.25 22.58 -4.70
N ALA A 217 3.39 22.23 -5.65
CA ALA A 217 3.38 20.85 -6.18
C ALA A 217 4.08 20.80 -7.50
N SER A 218 4.77 19.70 -7.74
CA SER A 218 5.44 19.53 -9.03
C SER A 218 5.71 18.07 -9.32
N TYR A 219 6.07 17.79 -10.58
CA TYR A 219 6.46 16.41 -10.95
C TYR A 219 7.54 16.47 -12.02
N PRO A 220 8.41 15.47 -12.04
CA PRO A 220 9.52 15.36 -13.01
C PRO A 220 9.00 14.97 -14.39
N ASN A 221 9.69 15.46 -15.42
CA ASN A 221 9.34 15.15 -16.82
C ASN A 221 10.29 14.08 -17.26
N VAL A 222 9.77 12.90 -17.57
CA VAL A 222 10.66 11.79 -17.98
C VAL A 222 10.52 11.49 -19.47
N LEU B 2 14.53 -21.11 8.29
CA LEU B 2 13.64 -20.02 7.81
C LEU B 2 13.89 -18.68 8.54
N PRO B 3 13.56 -17.52 7.92
CA PRO B 3 13.78 -16.23 8.58
C PRO B 3 13.05 -16.13 9.93
N LYS B 4 13.54 -15.33 10.91
CA LYS B 4 12.82 -15.22 12.17
C LYS B 4 11.61 -14.30 11.96
N SER B 5 11.63 -13.56 10.85
CA SER B 5 10.51 -12.67 10.58
C SER B 5 10.37 -12.42 9.09
N VAL B 6 9.14 -12.13 8.65
CA VAL B 6 8.86 -11.89 7.26
C VAL B 6 7.77 -10.85 7.19
N ASP B 7 7.93 -9.88 6.26
CA ASP B 7 6.88 -8.85 6.07
C ASP B 7 6.88 -8.51 4.58
N TRP B 8 5.99 -9.18 3.84
CA TRP B 8 5.88 -9.02 2.39
C TRP B 8 5.42 -7.61 2.02
N ARG B 9 4.85 -6.86 2.99
CA ARG B 9 4.48 -5.49 2.65
C ARG B 9 5.74 -4.67 2.26
N LYS B 10 6.85 -4.96 2.92
CA LYS B 10 8.09 -4.22 2.65
C LYS B 10 8.70 -4.54 1.29
N LYS B 11 8.23 -5.63 0.64
CA LYS B 11 8.83 -6.02 -0.64
C LYS B 11 7.97 -5.77 -1.85
N GLY B 12 6.86 -5.03 -1.68
CA GLY B 12 6.03 -4.68 -2.82
C GLY B 12 4.91 -5.63 -3.20
N TYR B 13 4.64 -6.64 -2.37
CA TYR B 13 3.62 -7.67 -2.65
C TYR B 13 2.20 -7.35 -2.26
N VAL B 14 1.99 -6.29 -1.47
CA VAL B 14 0.66 -6.08 -0.89
C VAL B 14 0.01 -4.76 -1.23
N THR B 15 -1.24 -4.84 -1.72
CA THR B 15 -1.99 -3.60 -2.01
C THR B 15 -2.51 -2.96 -0.70
N PRO B 16 -3.09 -1.77 -0.76
CA PRO B 16 -3.60 -1.15 0.47
C PRO B 16 -4.71 -1.96 1.08
N VAL B 17 -5.02 -1.60 2.32
CA VAL B 17 -6.13 -2.25 3.04
C VAL B 17 -7.42 -1.85 2.34
N LYS B 18 -8.28 -2.85 2.08
CA LYS B 18 -9.56 -2.65 1.44
C LYS B 18 -10.72 -2.80 2.45
N ASN B 19 -11.94 -2.57 2.02
CA ASN B 19 -13.07 -2.71 2.97
C ASN B 19 -14.27 -3.41 2.27
N GLN B 20 -14.61 -4.61 2.74
CA GLN B 20 -15.72 -5.33 2.17
C GLN B 20 -17.04 -4.70 2.51
N LYS B 21 -17.10 -3.75 3.48
CA LYS B 21 -18.37 -3.17 3.92
C LYS B 21 -19.43 -4.25 4.25
N GLN B 22 -20.71 -3.99 3.95
CA GLN B 22 -21.77 -4.91 4.40
C GLN B 22 -22.13 -5.95 3.40
N CYS B 23 -21.17 -6.82 3.18
CA CYS B 23 -21.22 -7.93 2.25
C CYS B 23 -20.28 -9.02 2.78
N GLY B 24 -20.75 -10.27 2.84
CA GLY B 24 -19.90 -11.36 3.34
C GLY B 24 -18.95 -11.88 2.27
N SER B 25 -18.02 -10.99 1.84
CA SER B 25 -17.15 -11.27 0.74
C SER B 25 -15.66 -11.36 1.14
N ALA B 26 -15.41 -11.56 2.41
CA ALA B 26 -13.97 -11.63 2.85
C ALA B 26 -13.21 -12.69 2.05
N TRP B 27 -13.90 -13.77 1.69
CA TRP B 27 -13.24 -14.82 0.89
C TRP B 27 -12.68 -14.23 -0.40
N ALA B 28 -13.43 -13.26 -0.96
CA ALA B 28 -12.95 -12.66 -2.20
C ALA B 28 -11.71 -11.75 -1.99
N PHE B 29 -11.68 -11.00 -0.85
CA PHE B 29 -10.57 -10.11 -0.55
C PHE B 29 -9.35 -10.95 -0.24
N SER B 30 -9.58 -12.09 0.45
CA SER B 30 -8.46 -12.96 0.75
C SER B 30 -7.87 -13.54 -0.57
N ALA B 31 -8.73 -13.91 -1.54
CA ALA B 31 -8.23 -14.48 -2.77
C ALA B 31 -7.52 -13.41 -3.57
N THR B 32 -8.12 -12.18 -3.63
CA THR B 32 -7.41 -11.20 -4.48
C THR B 32 -6.05 -10.85 -3.85
N GLY B 33 -5.98 -10.78 -2.50
CA GLY B 33 -4.72 -10.47 -1.84
C GLY B 33 -3.66 -11.51 -2.19
N ALA B 34 -4.05 -12.81 -2.17
CA ALA B 34 -3.03 -13.81 -2.53
C ALA B 34 -2.63 -13.74 -4.01
N LEU B 35 -3.61 -13.56 -4.92
CA LEU B 35 -3.33 -13.49 -6.33
C LEU B 35 -2.53 -12.21 -6.66
N GLU B 36 -2.80 -11.10 -5.92
CA GLU B 36 -2.00 -9.90 -6.12
C GLU B 36 -0.53 -10.16 -5.79
N GLY B 37 -0.28 -10.90 -4.71
CA GLY B 37 1.11 -11.19 -4.32
C GLY B 37 1.80 -12.07 -5.34
N GLN B 38 1.10 -13.14 -5.82
CA GLN B 38 1.73 -14.01 -6.84
C GLN B 38 1.87 -13.34 -8.20
N MET B 39 0.88 -12.52 -8.64
CA MET B 39 1.11 -11.84 -9.92
C MET B 39 2.28 -10.86 -9.81
N PHE B 40 2.46 -10.23 -8.62
CA PHE B 40 3.59 -9.31 -8.43
C PHE B 40 4.90 -10.12 -8.51
N ARG B 41 4.91 -11.26 -7.86
CA ARG B 41 6.12 -12.08 -7.88
C ARG B 41 6.54 -12.47 -9.30
N LYS B 42 5.55 -12.70 -10.15
CA LYS B 42 5.78 -13.10 -11.53
C LYS B 42 6.07 -11.95 -12.50
N THR B 43 5.51 -10.76 -12.29
CA THR B 43 5.65 -9.70 -13.25
C THR B 43 6.35 -8.43 -12.74
N GLY B 44 6.46 -8.28 -11.42
CA GLY B 44 7.04 -7.08 -10.87
C GLY B 44 6.02 -5.94 -10.83
N LYS B 45 4.75 -6.20 -11.22
CA LYS B 45 3.74 -5.15 -11.18
C LYS B 45 2.65 -5.47 -10.13
N LEU B 46 2.42 -4.53 -9.21
CA LEU B 46 1.40 -4.72 -8.16
C LEU B 46 0.12 -4.05 -8.64
N VAL B 47 -0.90 -4.84 -8.98
CA VAL B 47 -2.17 -4.30 -9.52
C VAL B 47 -3.34 -4.84 -8.72
N SER B 48 -4.12 -3.93 -8.16
CA SER B 48 -5.28 -4.35 -7.35
C SER B 48 -6.30 -5.12 -8.22
N LEU B 49 -6.81 -6.29 -7.72
CA LEU B 49 -7.74 -7.14 -8.44
C LEU B 49 -9.16 -6.94 -7.97
N SER B 50 -10.12 -7.35 -8.82
CA SER B 50 -11.54 -7.12 -8.59
C SER B 50 -12.25 -8.12 -7.74
N GLU B 51 -12.54 -7.73 -6.50
CA GLU B 51 -13.35 -8.62 -5.64
C GLU B 51 -14.77 -8.71 -6.23
N GLN B 52 -15.26 -7.63 -6.84
CA GLN B 52 -16.61 -7.61 -7.35
C GLN B 52 -16.74 -8.65 -8.47
N ASN B 53 -15.68 -8.78 -9.30
CA ASN B 53 -15.65 -9.78 -10.35
C ASN B 53 -15.88 -11.19 -9.73
N LEU B 54 -15.18 -11.46 -8.61
CA LEU B 54 -15.34 -12.75 -7.97
C LEU B 54 -16.73 -12.88 -7.37
N VAL B 55 -17.21 -11.84 -6.70
CA VAL B 55 -18.57 -11.92 -6.08
C VAL B 55 -19.64 -12.14 -7.17
N ASP B 56 -19.55 -11.39 -8.27
CA ASP B 56 -20.62 -11.51 -9.27
C ASP B 56 -20.52 -12.70 -10.17
N CYS B 57 -19.31 -13.22 -10.37
CA CYS B 57 -19.14 -14.27 -11.38
C CYS B 57 -18.79 -15.67 -10.92
N SER B 58 -18.48 -15.91 -9.64
CA SER B 58 -18.02 -17.28 -9.32
C SER B 58 -19.08 -18.19 -8.68
N ARG B 59 -20.36 -17.98 -8.99
CA ARG B 59 -21.36 -18.83 -8.35
C ARG B 59 -21.28 -20.23 -8.97
N PRO B 60 -20.94 -20.35 -10.28
CA PRO B 60 -20.85 -21.69 -10.86
C PRO B 60 -19.89 -22.55 -10.11
N GLN B 61 -18.82 -21.92 -9.55
CA GLN B 61 -17.83 -22.68 -8.81
C GLN B 61 -18.20 -22.94 -7.36
N GLY B 62 -19.39 -22.52 -6.91
CA GLY B 62 -19.81 -22.84 -5.56
C GLY B 62 -19.72 -21.69 -4.59
N ASN B 63 -19.28 -20.52 -5.06
CA ASN B 63 -19.24 -19.38 -4.11
C ASN B 63 -20.63 -18.76 -4.04
N GLN B 64 -20.91 -17.93 -3.00
CA GLN B 64 -22.23 -17.32 -2.90
C GLN B 64 -22.18 -15.82 -2.66
N GLY B 65 -21.23 -15.17 -3.32
CA GLY B 65 -21.15 -13.70 -3.28
C GLY B 65 -21.18 -13.09 -1.90
N CYS B 66 -22.16 -12.18 -1.60
CA CYS B 66 -22.16 -11.55 -0.27
C CYS B 66 -22.60 -12.53 0.82
N ASN B 67 -22.99 -13.79 0.44
CA ASN B 67 -23.38 -14.77 1.46
C ASN B 67 -22.26 -15.72 1.79
N GLY B 68 -21.06 -15.44 1.31
CA GLY B 68 -19.93 -16.31 1.70
C GLY B 68 -19.37 -17.04 0.52
N GLY B 69 -18.19 -17.63 0.76
CA GLY B 69 -17.54 -18.34 -0.31
C GLY B 69 -16.22 -18.86 0.20
N PHE B 70 -15.39 -19.34 -0.73
CA PHE B 70 -14.10 -19.93 -0.42
C PHE B 70 -13.01 -19.42 -1.35
N MET B 71 -11.80 -19.20 -0.79
CA MET B 71 -10.68 -18.70 -1.60
C MET B 71 -10.35 -19.74 -2.67
N ALA B 72 -10.35 -21.05 -2.29
CA ALA B 72 -10.06 -22.03 -3.32
C ALA B 72 -11.05 -22.02 -4.46
N ARG B 73 -12.39 -21.80 -4.19
CA ARG B 73 -13.30 -21.77 -5.34
C ARG B 73 -13.03 -20.53 -6.20
N ALA B 74 -12.57 -19.42 -5.55
CA ALA B 74 -12.20 -18.24 -6.31
C ALA B 74 -11.02 -18.54 -7.25
N PHE B 75 -9.97 -19.25 -6.74
CA PHE B 75 -8.84 -19.50 -7.65
C PHE B 75 -9.31 -20.44 -8.76
N GLN B 76 -10.30 -21.31 -8.45
CA GLN B 76 -10.81 -22.21 -9.47
C GLN B 76 -11.57 -21.41 -10.54
N TYR B 77 -12.31 -20.38 -10.11
CA TYR B 77 -13.00 -19.61 -11.10
C TYR B 77 -12.00 -18.90 -12.00
N VAL B 78 -10.89 -18.34 -11.42
CA VAL B 78 -9.95 -17.62 -12.29
C VAL B 78 -9.41 -18.56 -13.33
N LYS B 79 -9.10 -19.76 -12.89
CA LYS B 79 -8.60 -20.78 -13.82
C LYS B 79 -9.62 -21.14 -14.92
N GLU B 80 -10.86 -21.48 -14.53
CA GLU B 80 -11.85 -21.87 -15.51
C GLU B 80 -12.24 -20.74 -16.43
N ASN B 81 -12.19 -19.53 -15.91
CA ASN B 81 -12.56 -18.35 -16.65
C ASN B 81 -11.45 -17.84 -17.54
N GLY B 82 -10.20 -18.23 -17.27
CA GLY B 82 -9.12 -17.74 -18.11
C GLY B 82 -8.65 -16.36 -17.71
N GLY B 83 -9.22 -15.77 -16.66
CA GLY B 83 -8.73 -14.45 -16.25
C GLY B 83 -9.50 -13.80 -15.12
N LEU B 84 -9.07 -12.59 -14.74
CA LEU B 84 -9.72 -11.85 -13.63
C LEU B 84 -9.41 -10.37 -13.86
N ASP B 85 -10.45 -9.54 -13.80
CA ASP B 85 -10.29 -8.13 -14.09
C ASP B 85 -9.70 -7.31 -12.96
N SER B 86 -9.11 -6.18 -13.33
CA SER B 86 -8.52 -5.26 -12.36
C SER B 86 -9.62 -4.59 -11.59
N GLU B 87 -9.31 -4.22 -10.35
CA GLU B 87 -10.30 -3.44 -9.55
C GLU B 87 -10.67 -2.14 -10.31
N GLU B 88 -9.67 -1.52 -10.96
CA GLU B 88 -9.97 -0.26 -11.70
C GLU B 88 -11.08 -0.45 -12.76
N SER B 89 -11.07 -1.59 -13.44
CA SER B 89 -12.01 -1.84 -14.50
C SER B 89 -13.33 -2.37 -13.97
N TYR B 90 -13.33 -2.99 -12.79
CA TYR B 90 -14.55 -3.67 -12.27
C TYR B 90 -14.56 -3.34 -10.78
N PRO B 91 -15.04 -2.15 -10.49
CA PRO B 91 -15.09 -1.64 -9.10
C PRO B 91 -16.00 -2.36 -8.14
N TYR B 92 -15.67 -2.22 -6.84
CA TYR B 92 -16.41 -2.90 -5.79
C TYR B 92 -17.52 -2.08 -5.22
N VAL B 93 -18.76 -2.65 -5.20
CA VAL B 93 -19.90 -1.91 -4.64
C VAL B 93 -20.55 -2.65 -3.48
N ALA B 94 -19.93 -3.77 -3.05
CA ALA B 94 -20.38 -4.49 -1.84
C ALA B 94 -21.81 -5.03 -1.86
N VAL B 95 -22.31 -5.42 -3.03
CA VAL B 95 -23.61 -6.05 -3.15
C VAL B 95 -23.44 -7.09 -4.26
N ASP B 96 -24.34 -8.07 -4.29
CA ASP B 96 -24.32 -9.11 -5.32
C ASP B 96 -24.87 -8.55 -6.63
N GLU B 97 -24.12 -8.53 -7.74
CA GLU B 97 -24.64 -8.02 -9.00
C GLU B 97 -24.41 -9.01 -10.13
N ILE B 98 -24.88 -8.65 -11.32
CA ILE B 98 -24.72 -9.54 -12.48
C ILE B 98 -23.31 -9.53 -12.99
N CYS B 99 -22.78 -10.69 -13.37
CA CYS B 99 -21.40 -10.78 -13.86
C CYS B 99 -21.13 -9.86 -15.03
N LYS B 100 -20.02 -9.07 -14.97
CA LYS B 100 -19.66 -8.16 -16.08
C LYS B 100 -18.23 -8.37 -16.52
N TYR B 101 -17.73 -9.58 -16.36
CA TYR B 101 -16.36 -9.84 -16.70
C TYR B 101 -16.07 -9.62 -18.18
N ARG B 102 -14.94 -8.96 -18.45
CA ARG B 102 -14.49 -8.81 -19.81
C ARG B 102 -13.06 -9.27 -19.92
N PRO B 103 -12.76 -10.17 -20.88
CA PRO B 103 -11.38 -10.64 -21.03
C PRO B 103 -10.39 -9.55 -21.34
N GLU B 104 -10.84 -8.49 -21.99
CA GLU B 104 -9.91 -7.42 -22.38
C GLU B 104 -9.42 -6.67 -21.16
N ASN B 105 -10.13 -6.83 -20.02
CA ASN B 105 -9.69 -6.13 -18.82
C ASN B 105 -9.01 -7.04 -17.80
N SER B 106 -8.71 -8.28 -18.19
CA SER B 106 -8.04 -9.19 -17.25
C SER B 106 -6.57 -8.77 -17.08
N VAL B 107 -6.04 -8.85 -15.85
CA VAL B 107 -4.67 -8.54 -15.53
C VAL B 107 -4.11 -9.69 -14.68
N ALA B 108 -4.86 -10.78 -14.57
CA ALA B 108 -4.38 -11.92 -13.76
C ALA B 108 -4.88 -13.27 -14.29
N GLN B 109 -4.08 -14.30 -14.03
CA GLN B 109 -4.44 -15.67 -14.40
C GLN B 109 -3.87 -16.65 -13.38
N ASP B 110 -4.50 -17.81 -13.25
CA ASP B 110 -3.89 -18.85 -12.41
C ASP B 110 -4.23 -20.22 -12.99
N THR B 111 -3.45 -21.25 -12.63
CA THR B 111 -3.67 -22.58 -13.20
C THR B 111 -4.26 -23.51 -12.15
N GLY B 112 -4.74 -22.94 -11.03
CA GLY B 112 -5.21 -23.77 -9.95
C GLY B 112 -4.63 -23.25 -8.66
N PHE B 113 -4.44 -24.11 -7.66
CA PHE B 113 -3.94 -23.62 -6.39
C PHE B 113 -3.28 -24.73 -5.60
N THR B 114 -2.50 -24.33 -4.62
CA THR B 114 -1.80 -25.24 -3.73
C THR B 114 -2.34 -25.13 -2.31
N VAL B 115 -2.68 -26.27 -1.68
CA VAL B 115 -3.14 -26.29 -0.32
C VAL B 115 -1.96 -26.53 0.60
N VAL B 116 -1.90 -25.76 1.68
CA VAL B 116 -0.84 -25.89 2.67
C VAL B 116 -1.29 -27.02 3.56
N ALA B 117 -0.34 -27.85 4.02
CA ALA B 117 -0.78 -29.00 4.87
C ALA B 117 -1.71 -28.53 6.00
N PRO B 118 -2.95 -29.07 6.06
CA PRO B 118 -3.85 -28.62 7.13
C PRO B 118 -3.38 -28.75 8.59
N GLY B 119 -3.68 -27.70 9.40
CA GLY B 119 -3.36 -27.72 10.82
C GLY B 119 -1.90 -27.55 11.17
N LYS B 120 -1.02 -27.44 10.16
CA LYS B 120 0.42 -27.36 10.40
C LYS B 120 1.00 -25.98 10.27
N GLU B 121 1.20 -25.34 11.42
CA GLU B 121 1.78 -23.98 11.44
C GLU B 121 3.20 -23.96 10.93
N LYS B 122 3.98 -25.09 11.02
CA LYS B 122 5.32 -24.92 10.46
C LYS B 122 5.23 -25.03 8.96
N ALA B 123 4.19 -25.71 8.43
CA ALA B 123 4.04 -25.78 6.98
C ALA B 123 3.63 -24.41 6.49
N LEU B 124 2.72 -23.80 7.25
CA LEU B 124 2.30 -22.43 6.87
C LEU B 124 3.46 -21.44 6.91
N MET B 125 4.29 -21.54 7.92
CA MET B 125 5.44 -20.61 8.07
C MET B 125 6.37 -20.78 6.87
N LYS B 126 6.64 -22.03 6.45
CA LYS B 126 7.48 -22.25 5.29
C LYS B 126 6.83 -21.70 4.05
N ALA B 127 5.48 -21.81 3.92
CA ALA B 127 4.87 -21.28 2.70
C ALA B 127 4.95 -19.74 2.70
N VAL B 128 4.64 -19.13 3.86
CA VAL B 128 4.76 -17.66 3.96
C VAL B 128 6.19 -17.19 3.63
N ALA B 129 7.19 -17.90 4.13
CA ALA B 129 8.57 -17.44 3.91
C ALA B 129 9.01 -17.63 2.48
N THR B 130 8.47 -18.64 1.79
CA THR B 130 9.00 -18.92 0.45
C THR B 130 8.10 -18.57 -0.75
N VAL B 131 6.79 -18.33 -0.53
CA VAL B 131 5.91 -18.08 -1.65
C VAL B 131 5.47 -16.66 -1.72
N GLY B 132 5.06 -16.13 -0.56
CA GLY B 132 4.52 -14.78 -0.49
C GLY B 132 3.28 -14.78 0.39
N PRO B 133 2.39 -13.75 0.27
CA PRO B 133 1.20 -13.78 1.13
C PRO B 133 0.32 -15.01 0.90
N ILE B 134 -0.30 -15.55 2.00
CA ILE B 134 -1.10 -16.81 1.86
C ILE B 134 -2.56 -16.58 2.32
N SER B 135 -3.53 -17.08 1.54
CA SER B 135 -4.92 -17.01 1.93
C SER B 135 -5.16 -18.00 3.05
N VAL B 136 -5.88 -17.56 4.08
CA VAL B 136 -6.23 -18.43 5.21
C VAL B 136 -7.63 -18.09 5.70
N ALA B 137 -8.21 -19.05 6.42
CA ALA B 137 -9.52 -18.83 7.02
C ALA B 137 -9.29 -18.87 8.54
N MET B 138 -10.07 -18.11 9.32
CA MET B 138 -9.94 -18.08 10.77
C MET B 138 -11.29 -17.97 11.47
N ASP B 139 -11.28 -18.22 12.77
CA ASP B 139 -12.46 -18.02 13.60
C ASP B 139 -12.40 -16.58 14.07
N ALA B 140 -13.21 -15.71 13.43
CA ALA B 140 -13.26 -14.28 13.82
C ALA B 140 -14.58 -13.98 14.54
N GLY B 141 -15.32 -15.06 14.89
CA GLY B 141 -16.63 -14.91 15.55
C GLY B 141 -16.62 -14.57 17.02
N HIS B 142 -15.89 -13.53 17.41
CA HIS B 142 -15.80 -13.10 18.81
C HIS B 142 -15.70 -11.58 18.90
N SER B 143 -16.31 -10.98 19.92
CA SER B 143 -16.26 -9.53 19.99
C SER B 143 -14.84 -9.02 20.18
N SER B 144 -13.98 -9.84 20.80
CA SER B 144 -12.60 -9.40 21.00
C SER B 144 -11.91 -9.08 19.65
N PHE B 145 -12.31 -9.79 18.57
CA PHE B 145 -11.72 -9.55 17.26
C PHE B 145 -12.31 -8.29 16.69
N GLN B 146 -13.62 -8.14 16.80
CA GLN B 146 -14.23 -6.91 16.32
C GLN B 146 -13.62 -5.66 16.92
N PHE B 147 -13.26 -5.70 18.21
CA PHE B 147 -12.73 -4.51 18.86
C PHE B 147 -11.24 -4.53 19.07
N TYR B 148 -10.55 -5.42 18.37
CA TYR B 148 -9.09 -5.50 18.48
C TYR B 148 -8.41 -4.21 18.04
N LYS B 149 -7.32 -3.83 18.74
CA LYS B 149 -6.66 -2.57 18.35
C LYS B 149 -5.14 -2.76 18.19
N SER B 150 -4.50 -3.53 19.07
CA SER B 150 -3.05 -3.68 18.90
C SER B 150 -2.56 -4.83 19.69
N GLY B 151 -1.29 -5.20 19.54
CA GLY B 151 -0.76 -6.29 20.32
C GLY B 151 -1.04 -7.65 19.72
N ILE B 152 -0.66 -8.71 20.43
CA ILE B 152 -0.87 -10.05 19.86
C ILE B 152 -2.25 -10.51 20.24
N TYR B 153 -3.05 -10.86 19.23
CA TYR B 153 -4.43 -11.22 19.51
C TYR B 153 -4.47 -12.67 19.96
N PHE B 154 -5.07 -12.88 21.11
CA PHE B 154 -5.25 -14.22 21.67
C PHE B 154 -6.63 -14.26 22.32
N GLU B 155 -7.47 -15.14 21.83
CA GLU B 155 -8.82 -15.29 22.34
C GLU B 155 -9.04 -16.72 22.83
N PRO B 156 -9.18 -16.89 24.14
CA PRO B 156 -9.40 -18.21 24.74
C PRO B 156 -10.49 -19.05 24.12
N ASP B 157 -11.58 -18.42 23.73
CA ASP B 157 -12.71 -19.15 23.14
C ASP B 157 -12.54 -19.42 21.64
N CYS B 158 -11.34 -19.18 21.07
CA CYS B 158 -11.22 -19.35 19.64
C CYS B 158 -11.22 -20.78 19.21
N SER B 159 -11.88 -21.03 18.07
CA SER B 159 -11.90 -22.38 17.51
C SER B 159 -10.88 -22.52 16.38
N SER B 160 -10.29 -23.72 16.26
CA SER B 160 -9.39 -23.95 15.16
C SER B 160 -10.06 -24.82 14.08
N LYS B 161 -11.38 -25.10 14.23
CA LYS B 161 -12.05 -26.01 13.28
C LYS B 161 -13.21 -25.36 12.61
N ASN B 162 -13.91 -24.52 13.36
CA ASN B 162 -15.07 -23.88 12.80
C ASN B 162 -14.65 -22.46 12.51
N LEU B 163 -14.48 -22.19 11.21
CA LEU B 163 -13.96 -20.88 10.77
C LEU B 163 -14.99 -20.12 10.00
N ASP B 164 -14.90 -18.78 10.03
CA ASP B 164 -15.97 -18.04 9.40
C ASP B 164 -15.48 -16.85 8.68
N HIS B 165 -14.14 -16.66 8.59
CA HIS B 165 -13.62 -15.40 7.99
C HIS B 165 -12.33 -15.59 7.19
N GLY B 166 -12.32 -15.19 5.90
CA GLY B 166 -11.09 -15.31 5.11
C GLY B 166 -10.21 -14.08 5.31
N VAL B 167 -8.86 -14.28 5.44
CA VAL B 167 -7.93 -13.16 5.65
C VAL B 167 -6.63 -13.51 4.90
N LEU B 168 -5.60 -12.67 5.03
CA LEU B 168 -4.37 -12.89 4.30
C LEU B 168 -3.18 -12.83 5.22
N VAL B 169 -2.35 -13.89 5.26
CA VAL B 169 -1.17 -13.80 6.10
C VAL B 169 -0.11 -13.14 5.24
N VAL B 170 0.36 -11.93 5.60
CA VAL B 170 1.41 -11.28 4.81
C VAL B 170 2.80 -11.41 5.48
N GLY B 171 2.87 -12.15 6.57
CA GLY B 171 4.16 -12.29 7.28
C GLY B 171 4.05 -12.91 8.67
N TYR B 172 5.15 -12.86 9.42
CA TYR B 172 5.14 -13.38 10.79
C TYR B 172 6.30 -12.74 11.49
N GLY B 173 6.29 -12.81 12.80
CA GLY B 173 7.36 -12.19 13.57
C GLY B 173 7.25 -12.52 15.04
N PHE B 174 7.80 -11.65 15.85
CA PHE B 174 7.80 -11.81 17.30
C PHE B 174 8.00 -10.47 17.98
N GLU B 175 7.40 -10.34 19.17
CA GLU B 175 7.54 -9.12 19.93
C GLU B 175 8.59 -9.40 20.96
N GLY B 176 9.25 -8.34 21.41
CA GLY B 176 10.31 -8.54 22.38
C GLY B 176 11.62 -8.86 21.71
N ALA B 177 12.59 -9.35 22.49
CA ALA B 177 13.92 -9.60 21.93
C ALA B 177 14.26 -11.05 21.64
N ASN B 178 13.42 -12.01 22.05
CA ASN B 178 13.79 -13.39 21.75
C ASN B 178 12.90 -13.91 20.63
N SER B 179 13.52 -14.28 19.50
CA SER B 179 12.81 -14.74 18.30
C SER B 179 11.80 -15.89 18.49
N GLN B 180 11.81 -16.56 19.63
CA GLN B 180 10.89 -17.66 19.87
C GLN B 180 9.85 -17.32 20.93
N ASN B 181 9.81 -16.07 21.42
CA ASN B 181 8.80 -15.76 22.42
C ASN B 181 7.87 -14.73 21.89
N SER B 182 6.57 -14.83 22.19
CA SER B 182 5.57 -13.91 21.72
C SER B 182 5.60 -13.82 20.21
N LYS B 183 5.40 -14.96 19.56
CA LYS B 183 5.41 -14.95 18.11
C LYS B 183 4.04 -14.67 17.57
N TYR B 184 4.00 -14.19 16.33
CA TYR B 184 2.68 -13.95 15.76
C TYR B 184 2.68 -14.01 14.24
N TRP B 185 1.46 -14.16 13.69
CA TRP B 185 1.25 -14.09 12.25
C TRP B 185 0.82 -12.65 11.94
N LEU B 186 1.34 -12.11 10.87
CA LEU B 186 0.97 -10.76 10.45
C LEU B 186 -0.18 -10.93 9.45
N VAL B 187 -1.37 -10.43 9.78
CA VAL B 187 -2.58 -10.65 8.96
C VAL B 187 -3.24 -9.42 8.43
N LYS B 188 -3.46 -9.41 7.10
CA LYS B 188 -4.20 -8.27 6.46
C LYS B 188 -5.70 -8.58 6.52
N ASN B 189 -6.51 -7.67 7.11
CA ASN B 189 -7.98 -7.87 7.15
C ASN B 189 -8.65 -7.08 6.01
N SER B 190 -9.99 -7.19 5.85
CA SER B 190 -10.67 -6.47 4.77
C SER B 190 -11.83 -5.64 5.40
N TRP B 191 -11.55 -4.99 6.59
CA TRP B 191 -12.54 -4.20 7.24
C TRP B 191 -12.13 -2.73 7.22
N GLY B 192 -11.30 -2.35 6.24
CA GLY B 192 -10.87 -0.94 6.16
C GLY B 192 -9.67 -0.68 7.09
N PRO B 193 -8.93 0.43 6.88
CA PRO B 193 -7.76 0.82 7.65
C PRO B 193 -8.14 1.32 9.02
N GLU B 194 -9.44 1.59 9.24
CA GLU B 194 -9.76 2.13 10.56
C GLU B 194 -9.88 1.00 11.56
N TRP B 195 -10.13 -0.24 11.10
CA TRP B 195 -10.24 -1.37 12.03
C TRP B 195 -8.92 -1.87 12.53
N GLY B 196 -8.84 -2.37 13.79
CA GLY B 196 -7.60 -2.93 14.30
C GLY B 196 -6.38 -2.03 14.24
N SER B 197 -5.25 -2.60 13.82
CA SER B 197 -3.99 -1.85 13.74
C SER B 197 -3.79 -1.39 12.28
N ASN B 198 -4.47 -0.30 11.94
CA ASN B 198 -4.48 0.24 10.60
C ASN B 198 -4.89 -0.87 9.61
N GLY B 199 -5.89 -1.71 10.01
CA GLY B 199 -6.37 -2.70 9.07
C GLY B 199 -5.73 -4.05 9.19
N TYR B 200 -4.67 -4.16 10.05
CA TYR B 200 -3.93 -5.41 10.27
C TYR B 200 -4.12 -5.93 11.71
N VAL B 201 -3.76 -7.19 11.91
CA VAL B 201 -3.87 -7.82 13.23
C VAL B 201 -2.74 -8.76 13.40
N LYS B 202 -2.15 -8.80 14.61
CA LYS B 202 -1.09 -9.80 14.89
C LYS B 202 -1.82 -10.97 15.58
N ILE B 203 -1.78 -12.18 15.02
CA ILE B 203 -2.49 -13.28 15.71
C ILE B 203 -1.49 -14.23 16.26
N ALA B 204 -1.65 -14.61 17.53
CA ALA B 204 -0.70 -15.51 18.21
C ALA B 204 -0.31 -16.66 17.29
N LYS B 205 1.02 -16.92 17.23
CA LYS B 205 1.57 -17.95 16.37
C LYS B 205 2.19 -19.04 17.22
N ASP B 206 2.10 -20.26 16.73
CA ASP B 206 2.60 -21.46 17.40
C ASP B 206 1.99 -21.65 18.77
N LYS B 207 0.70 -21.29 18.90
CA LYS B 207 -0.02 -21.54 20.13
C LYS B 207 -1.19 -22.43 19.77
N ASN B 208 -0.83 -23.60 19.20
CA ASN B 208 -1.78 -24.63 18.83
C ASN B 208 -2.75 -24.22 17.75
N ASN B 209 -2.25 -23.63 16.66
CA ASN B 209 -3.12 -23.25 15.53
C ASN B 209 -4.24 -22.36 16.00
N HIS B 210 -3.87 -21.29 16.69
CA HIS B 210 -4.83 -20.35 17.25
C HIS B 210 -5.78 -19.72 16.23
N CYS B 211 -7.08 -19.81 16.53
CA CYS B 211 -8.15 -19.33 15.68
C CYS B 211 -8.17 -20.05 14.32
N GLY B 212 -7.36 -21.13 14.18
CA GLY B 212 -7.39 -21.94 12.97
C GLY B 212 -6.69 -21.36 11.76
N ILE B 213 -5.74 -20.43 11.99
CA ILE B 213 -5.02 -19.78 10.87
C ILE B 213 -4.38 -20.76 9.89
N ALA B 214 -3.91 -21.93 10.40
CA ALA B 214 -3.26 -22.92 9.56
C ALA B 214 -4.18 -24.04 9.16
N THR B 215 -5.48 -23.93 9.50
CA THR B 215 -6.39 -25.03 9.16
C THR B 215 -6.72 -25.12 7.66
N ALA B 216 -6.86 -23.96 6.99
CA ALA B 216 -7.27 -24.06 5.59
C ALA B 216 -6.62 -22.96 4.77
N ALA B 217 -5.31 -23.08 4.65
CA ALA B 217 -4.44 -22.12 3.95
C ALA B 217 -4.20 -22.57 2.53
N SER B 218 -4.12 -21.62 1.60
CA SER B 218 -3.87 -21.97 0.21
C SER B 218 -3.32 -20.75 -0.56
N TYR B 219 -2.82 -20.99 -1.77
CA TYR B 219 -2.34 -19.88 -2.60
C TYR B 219 -2.48 -20.26 -4.05
N PRO B 220 -2.75 -19.30 -4.94
CA PRO B 220 -2.91 -19.56 -6.36
C PRO B 220 -1.58 -19.87 -7.04
N ASN B 221 -1.61 -20.75 -8.04
CA ASN B 221 -0.42 -21.06 -8.85
C ASN B 221 -0.47 -20.22 -10.10
N VAL B 222 0.51 -19.32 -10.30
CA VAL B 222 0.49 -18.45 -11.48
C VAL B 222 1.60 -18.83 -12.45
N THR C 6 16.03 24.91 6.52
CA THR C 6 16.51 25.63 5.35
C THR C 6 15.84 25.15 4.10
N ALA C 7 14.55 24.85 4.21
CA ALA C 7 13.71 24.39 3.13
C ALA C 7 12.82 23.35 3.73
N HIS C 8 12.42 22.38 2.94
CA HIS C 8 11.61 21.33 3.52
C HIS C 8 12.47 20.34 4.14
N GLU C 9 11.97 19.71 5.17
CA GLU C 9 12.73 18.71 5.87
C GLU C 9 11.91 17.48 6.19
N NH2 C 10 10.60 17.65 6.32
HN1 NH2 C 10 10.03 16.89 6.54
HN2 NH2 C 10 10.20 18.55 6.18
N THR D 6 -21.08 -20.96 0.94
CA THR D 6 -21.48 -20.32 2.19
C THR D 6 -20.62 -20.79 3.32
N ALA D 7 -19.38 -20.37 3.34
CA ALA D 7 -18.50 -20.77 4.40
C ALA D 7 -17.80 -19.61 5.01
N HIS D 8 -16.93 -18.91 4.30
CA HIS D 8 -16.29 -17.75 4.91
C HIS D 8 -16.96 -16.53 4.45
N GLU D 9 -17.05 -15.52 5.29
CA GLU D 9 -17.70 -14.23 5.01
C GLU D 9 -16.92 -13.04 5.49
N NH2 D 10 -16.15 -13.22 6.51
HN1 NH2 D 10 -15.65 -12.46 6.90
HN2 NH2 D 10 -16.04 -14.13 6.89
C1 MPD E . 10.11 -1.35 -4.72
C2 MPD E . 10.44 -2.80 -4.51
O2 MPD E . 11.84 -2.97 -4.62
CM MPD E . 9.99 -3.23 -3.13
C3 MPD E . 9.78 -3.62 -5.59
C4 MPD E . 10.28 -3.45 -7.02
O4 MPD E . 11.63 -3.87 -7.08
C5 MPD E . 9.46 -4.18 -8.04
CL CL F . 9.94 22.07 -4.46
C1 MPD G . 8.43 18.46 9.33
C2 MPD G . 8.85 18.35 10.77
O2 MPD G . 9.79 17.30 10.89
CM MPD G . 9.50 19.64 11.21
C3 MPD G . 7.63 18.03 11.64
C4 MPD G . 7.79 17.80 13.14
O4 MPD G . 6.52 17.46 13.70
C5 MPD G . 8.75 16.67 13.42
C1 GOL H . 34.39 7.56 -8.19
O1 GOL H . 34.17 6.36 -8.92
C2 GOL H . 34.21 7.32 -6.72
O2 GOL H . 34.35 8.55 -6.03
C3 GOL H . 32.81 6.91 -6.68
O3 GOL H . 32.06 7.78 -7.47
C1 GOL I . -2.22 18.64 -16.87
O1 GOL I . -1.87 17.36 -17.28
C2 GOL I . -1.29 19.10 -15.78
O2 GOL I . 0.04 19.02 -16.24
C3 GOL I . -1.53 20.49 -15.25
O3 GOL I . -0.49 20.85 -14.40
CL CL J . -10.77 -21.86 0.78
C1 MPD K . -16.56 -12.66 10.28
C2 MPD K . -17.92 -12.22 10.79
O2 MPD K . -18.68 -11.74 9.69
CM MPD K . -18.64 -13.39 11.42
C3 MPD K . -17.74 -11.08 11.78
C4 MPD K . -17.69 -11.37 13.26
O4 MPD K . -16.97 -10.34 13.92
C5 MPD K . -19.08 -11.48 13.81
C1 GOL L . -17.90 -4.48 10.78
O1 GOL L . -17.25 -5.29 11.72
C2 GOL L . -17.69 -4.99 9.38
O2 GOL L . -18.13 -6.35 9.32
C3 GOL L . -18.47 -4.17 8.37
O3 GOL L . -18.25 -2.79 8.59
C1 GOL M . -10.52 -26.87 0.21
O1 GOL M . -9.55 -27.58 -0.54
C2 GOL M . -9.88 -25.67 0.87
O2 GOL M . -10.78 -25.09 1.82
C3 GOL M . -8.64 -26.16 1.59
O3 GOL M . -7.79 -25.09 1.92
C1 GOL N . -22.55 -8.99 -21.20
O1 GOL N . -23.29 -9.44 -20.16
C2 GOL N . -21.37 -8.09 -20.74
O2 GOL N . -21.70 -7.69 -19.45
C3 GOL N . -20.20 -9.05 -20.45
O3 GOL N . -20.40 -9.75 -19.33
C1 GOL O . -17.97 -21.61 -16.38
O1 GOL O . -19.17 -22.00 -15.93
C2 GOL O . -17.76 -20.13 -16.12
O2 GOL O . -17.98 -19.87 -14.76
C3 GOL O . -16.36 -19.66 -16.49
O3 GOL O . -16.17 -18.37 -16.14
#